data_7NVQ
#
_entry.id   7NVQ
#
_cell.length_a   53.889
_cell.length_b   69.420
_cell.length_c   74.419
_cell.angle_alpha   90.000
_cell.angle_beta   90.000
_cell.angle_gamma   90.000
#
_symmetry.space_group_name_H-M   'P 21 21 21'
#
loop_
_entity.id
_entity.type
_entity.pdbx_description
1 polymer 'Cyclin-dependent kinase 2'
2 non-polymer STAUROSPORINE
3 non-polymer 1,2-ETHANEDIOL
4 water water
#
_entity_poly.entity_id   1
_entity_poly.type   'polypeptide(L)'
_entity_poly.pdbx_seq_one_letter_code
;GAMENFQKVEKIGEGTYGVVYKARNKLTGEVVALKKIRLDTETEGVPSTAIREISLLKELNHPNIVKLLDVIHTENKLYL
VFEFLHQDLKKFMDASALTGIPLPLIKSYLFQLLQGLAFCHSHRVLHRDLKPQNLLINTEGAIKLADFGLARAFGVPVRT
YTHEVVTLWYRAPEILLGCKYYSTAVDIWSLGCIFAEMVTRRALFPGDSEIDQLFRIFRTLGTPDEVVWPGVTSMPDYKP
SFPKWARQDFSKVVPPLDEDGRSLLSQMLHYDPNKRISAKAALAHPFFQDVTKPVPHLRL
;
_entity_poly.pdbx_strand_id   A
#
loop_
_chem_comp.id
_chem_comp.type
_chem_comp.name
_chem_comp.formula
EDO non-polymer 1,2-ETHANEDIOL 'C2 H6 O2'
STU non-polymer STAUROSPORINE 'C28 H26 N4 O3'
#
# COMPACT_ATOMS: atom_id res chain seq x y z
N MET A 3 -17.74 -25.22 3.64
CA MET A 3 -18.11 -24.78 2.27
C MET A 3 -18.20 -26.00 1.33
N GLU A 4 -17.18 -26.85 1.32
CA GLU A 4 -17.17 -28.13 0.56
C GLU A 4 -17.42 -27.91 -0.95
N ASN A 5 -16.86 -26.86 -1.56
CA ASN A 5 -16.94 -26.70 -3.04
C ASN A 5 -15.54 -26.56 -3.65
N PHE A 6 -14.58 -25.99 -2.91
CA PHE A 6 -13.17 -25.84 -3.36
C PHE A 6 -12.24 -26.76 -2.57
N GLN A 7 -11.20 -27.28 -3.23
CA GLN A 7 -10.12 -28.05 -2.55
C GLN A 7 -8.94 -27.12 -2.27
N LYS A 8 -8.61 -26.92 -0.98
CA LYS A 8 -7.40 -26.19 -0.58
C LYS A 8 -6.16 -26.98 -1.00
N VAL A 9 -5.28 -26.38 -1.80
CA VAL A 9 -4.01 -27.05 -2.19
C VAL A 9 -2.96 -26.62 -1.18
N GLU A 10 -2.96 -25.36 -0.75
CA GLU A 10 -2.01 -24.89 0.29
C GLU A 10 -2.38 -23.51 0.84
N LYS A 11 -1.97 -23.25 2.07
CA LYS A 11 -2.03 -21.92 2.69
C LYS A 11 -0.87 -21.13 2.08
N ILE A 12 -1.12 -19.88 1.67
CA ILE A 12 -0.08 -19.03 1.02
C ILE A 12 0.10 -17.72 1.80
N GLY A 13 -0.76 -17.45 2.78
CA GLY A 13 -0.60 -16.19 3.53
C GLY A 13 -1.61 -16.01 4.62
N GLU A 14 -1.30 -15.06 5.49
CA GLU A 14 -2.18 -14.53 6.54
C GLU A 14 -2.29 -13.04 6.27
N GLY A 15 -3.45 -12.60 5.79
CA GLY A 15 -3.70 -11.18 5.60
C GLY A 15 -4.06 -10.59 6.92
N THR A 16 -4.53 -9.37 6.87
CA THR A 16 -4.92 -8.61 8.06
C THR A 16 -6.15 -9.25 8.72
N TYR A 17 -7.09 -9.75 7.92
CA TYR A 17 -8.44 -10.14 8.41
C TYR A 17 -8.61 -11.67 8.34
N GLY A 18 -7.75 -12.38 7.59
CA GLY A 18 -7.91 -13.84 7.48
C GLY A 18 -6.83 -14.52 6.67
N VAL A 19 -6.85 -15.84 6.75
CA VAL A 19 -5.93 -16.79 6.07
C VAL A 19 -6.23 -16.80 4.57
N VAL A 20 -5.23 -17.12 3.74
CA VAL A 20 -5.42 -17.21 2.27
C VAL A 20 -4.80 -18.53 1.80
N TYR A 21 -5.57 -19.25 1.00
CA TYR A 21 -5.22 -20.59 0.50
C TYR A 21 -5.14 -20.51 -1.01
N LYS A 22 -4.11 -21.11 -1.59
CA LYS A 22 -4.26 -21.60 -2.98
C LYS A 22 -5.31 -22.69 -2.89
N ALA A 23 -6.35 -22.60 -3.72
CA ALA A 23 -7.45 -23.58 -3.81
C ALA A 23 -7.81 -23.83 -5.27
N ARG A 24 -8.36 -25.00 -5.54
CA ARG A 24 -8.79 -25.48 -6.87
C ARG A 24 -10.31 -25.72 -6.81
N ASN A 25 -11.08 -24.97 -7.59
CA ASN A 25 -12.55 -25.19 -7.67
C ASN A 25 -12.79 -26.61 -8.20
N LYS A 26 -13.43 -27.48 -7.41
CA LYS A 26 -13.60 -28.91 -7.80
C LYS A 26 -14.51 -29.01 -9.02
N LEU A 27 -15.48 -28.10 -9.15
CA LEU A 27 -16.39 -28.14 -10.33
C LEU A 27 -15.66 -27.60 -11.58
N THR A 28 -14.92 -26.49 -11.50
CA THR A 28 -14.40 -25.78 -12.71
C THR A 28 -12.90 -26.04 -12.94
N GLY A 29 -12.25 -26.88 -12.13
CA GLY A 29 -10.78 -27.04 -12.18
C GLY A 29 -10.06 -25.71 -11.92
N GLU A 30 -10.82 -24.62 -11.75
CA GLU A 30 -10.29 -23.24 -11.66
C GLU A 30 -9.38 -23.11 -10.43
N VAL A 31 -8.20 -22.53 -10.63
CA VAL A 31 -7.19 -22.30 -9.56
C VAL A 31 -7.38 -20.87 -9.06
N VAL A 32 -7.71 -20.70 -7.77
CA VAL A 32 -8.03 -19.39 -7.13
C VAL A 32 -7.16 -19.18 -5.89
N ALA A 33 -7.12 -17.95 -5.38
CA ALA A 33 -6.74 -17.63 -3.99
C ALA A 33 -8.02 -17.52 -3.16
N LEU A 34 -8.14 -18.35 -2.13
CA LEU A 34 -9.33 -18.43 -1.25
C LEU A 34 -8.97 -17.83 0.12
N LYS A 35 -9.59 -16.69 0.45
CA LYS A 35 -9.40 -16.01 1.75
C LYS A 35 -10.61 -16.37 2.62
N LYS A 36 -10.38 -16.63 3.89
CA LYS A 36 -11.46 -17.00 4.85
C LYS A 36 -11.36 -16.06 6.06
N ILE A 37 -12.36 -15.20 6.20
CA ILE A 37 -12.46 -14.28 7.37
C ILE A 37 -13.53 -14.82 8.32
N ARG A 38 -13.13 -15.12 9.56
CA ARG A 38 -13.97 -15.49 10.72
C ARG A 38 -14.83 -14.28 11.13
N LEU A 39 -16.14 -14.47 11.28
CA LEU A 39 -17.09 -13.41 11.77
C LEU A 39 -17.51 -13.76 13.20
N PRO A 47 -19.77 -6.48 10.86
CA PRO A 47 -20.35 -7.81 10.73
C PRO A 47 -21.09 -7.96 9.39
N SER A 48 -22.36 -7.58 9.37
CA SER A 48 -23.14 -7.26 8.14
C SER A 48 -22.51 -6.08 7.39
N THR A 49 -21.87 -5.14 8.08
CA THR A 49 -21.22 -3.97 7.43
C THR A 49 -19.99 -4.49 6.65
N ALA A 50 -19.26 -5.46 7.18
CA ALA A 50 -18.12 -6.07 6.45
C ALA A 50 -18.62 -6.60 5.11
N ILE A 51 -19.70 -7.36 5.13
CA ILE A 51 -20.24 -8.06 3.92
C ILE A 51 -20.62 -7.00 2.87
N ARG A 52 -21.30 -5.96 3.29
CA ARG A 52 -21.77 -4.90 2.36
C ARG A 52 -20.57 -4.14 1.79
N GLU A 53 -19.53 -3.97 2.60
CA GLU A 53 -18.32 -3.25 2.17
C GLU A 53 -17.56 -4.11 1.13
N ILE A 54 -17.40 -5.41 1.37
CA ILE A 54 -16.66 -6.31 0.43
C ILE A 54 -17.42 -6.38 -0.90
N SER A 55 -18.74 -6.30 -0.87
CA SER A 55 -19.59 -6.37 -2.08
C SER A 55 -19.26 -5.22 -3.03
N LEU A 56 -19.06 -4.00 -2.51
CA LEU A 56 -18.68 -2.84 -3.36
C LEU A 56 -17.38 -3.15 -4.12
N LEU A 57 -16.49 -3.95 -3.54
CA LEU A 57 -15.20 -4.33 -4.19
C LEU A 57 -15.44 -5.17 -5.45
N LYS A 58 -16.58 -5.84 -5.53
CA LYS A 58 -16.88 -6.70 -6.70
C LYS A 58 -16.99 -5.86 -7.96
N GLU A 59 -17.28 -4.55 -7.80
CA GLU A 59 -17.41 -3.60 -8.93
C GLU A 59 -16.08 -2.89 -9.19
N LEU A 60 -15.16 -2.86 -8.22
CA LEU A 60 -13.88 -2.12 -8.36
C LEU A 60 -12.92 -2.98 -9.16
N ASN A 61 -13.10 -3.04 -10.47
CA ASN A 61 -12.27 -3.90 -11.36
C ASN A 61 -11.27 -3.01 -12.11
N HIS A 62 -10.01 -3.41 -12.09
CA HIS A 62 -8.92 -2.70 -12.80
C HIS A 62 -7.80 -3.70 -12.96
N PRO A 63 -6.99 -3.61 -14.04
CA PRO A 63 -5.87 -4.54 -14.22
C PRO A 63 -4.88 -4.53 -13.04
N ASN A 64 -4.79 -3.44 -12.28
CA ASN A 64 -3.83 -3.31 -11.15
C ASN A 64 -4.57 -3.44 -9.81
N ILE A 65 -5.74 -4.07 -9.78
CA ILE A 65 -6.41 -4.52 -8.52
C ILE A 65 -6.64 -6.03 -8.66
N VAL A 66 -6.25 -6.81 -7.66
CA VAL A 66 -6.49 -8.28 -7.65
C VAL A 66 -7.97 -8.52 -7.93
N LYS A 67 -8.26 -9.37 -8.91
CA LYS A 67 -9.64 -9.69 -9.34
C LYS A 67 -10.34 -10.46 -8.22
N LEU A 68 -11.32 -9.81 -7.58
CA LEU A 68 -12.33 -10.46 -6.70
C LEU A 68 -13.35 -11.19 -7.59
N LEU A 69 -13.34 -12.52 -7.56
CA LEU A 69 -14.18 -13.36 -8.44
C LEU A 69 -15.53 -13.60 -7.77
N ASP A 70 -15.55 -13.85 -6.46
CA ASP A 70 -16.83 -13.99 -5.72
C ASP A 70 -16.64 -13.72 -4.23
N VAL A 71 -17.74 -13.45 -3.54
CA VAL A 71 -17.79 -13.26 -2.06
C VAL A 71 -18.87 -14.19 -1.52
N ILE A 72 -18.55 -15.07 -0.59
CA ILE A 72 -19.51 -16.04 0.02
C ILE A 72 -19.57 -15.78 1.52
N HIS A 73 -20.72 -15.32 1.99
CA HIS A 73 -21.13 -15.29 3.42
C HIS A 73 -21.84 -16.62 3.76
N THR A 74 -21.20 -17.48 4.54
CA THR A 74 -21.72 -18.80 4.97
C THR A 74 -21.13 -19.15 6.35
N GLU A 75 -21.92 -19.76 7.22
CA GLU A 75 -21.45 -20.29 8.53
C GLU A 75 -20.53 -19.28 9.24
N ASN A 76 -21.03 -18.08 9.56
CA ASN A 76 -20.30 -17.03 10.34
C ASN A 76 -18.86 -16.87 9.81
N LYS A 77 -18.73 -16.95 8.49
CA LYS A 77 -17.44 -16.82 7.76
C LYS A 77 -17.74 -16.08 6.44
N LEU A 78 -16.80 -15.23 6.04
CA LEU A 78 -16.77 -14.58 4.71
C LEU A 78 -15.60 -15.18 3.92
N TYR A 79 -15.89 -15.92 2.86
CA TYR A 79 -14.86 -16.41 1.91
C TYR A 79 -14.79 -15.42 0.75
N LEU A 80 -13.57 -15.00 0.40
CA LEU A 80 -13.35 -14.22 -0.84
C LEU A 80 -12.55 -15.10 -1.81
N VAL A 81 -13.06 -15.27 -3.01
CA VAL A 81 -12.38 -15.99 -4.12
C VAL A 81 -11.70 -14.96 -5.00
N PHE A 82 -10.37 -14.99 -5.07
CA PHE A 82 -9.54 -14.06 -5.88
C PHE A 82 -8.88 -14.84 -7.01
N GLU A 83 -8.56 -14.16 -8.12
CA GLU A 83 -7.64 -14.71 -9.14
C GLU A 83 -6.35 -15.03 -8.39
N PHE A 84 -5.55 -15.96 -8.90
CA PHE A 84 -4.31 -16.46 -8.29
C PHE A 84 -3.12 -15.84 -9.02
N LEU A 85 -2.26 -15.14 -8.27
CA LEU A 85 -0.99 -14.54 -8.77
C LEU A 85 0.18 -15.34 -8.22
N HIS A 86 1.39 -14.81 -8.35
CA HIS A 86 2.63 -15.64 -8.32
C HIS A 86 3.38 -15.39 -7.03
N GLN A 87 3.48 -14.14 -6.55
CA GLN A 87 4.18 -13.79 -5.27
C GLN A 87 3.79 -12.39 -4.83
N ASP A 88 4.03 -12.04 -3.57
CA ASP A 88 3.92 -10.62 -3.10
C ASP A 88 5.22 -9.89 -3.47
N LEU A 89 5.15 -8.57 -3.51
CA LEU A 89 6.33 -7.68 -3.75
C LEU A 89 7.35 -7.83 -2.61
N LYS A 90 6.88 -8.10 -1.38
CA LYS A 90 7.82 -8.18 -0.23
C LYS A 90 8.85 -9.28 -0.53
N LYS A 91 8.37 -10.44 -0.97
CA LYS A 91 9.20 -11.61 -1.36
C LYS A 91 10.14 -11.24 -2.50
N PHE A 92 9.65 -10.57 -3.53
CA PHE A 92 10.49 -10.19 -4.71
C PHE A 92 11.56 -9.19 -4.28
N MET A 93 11.22 -8.20 -3.44
CA MET A 93 12.23 -7.22 -2.92
C MET A 93 13.29 -8.00 -2.10
N ASP A 94 12.85 -8.88 -1.19
CA ASP A 94 13.76 -9.74 -0.37
C ASP A 94 14.68 -10.52 -1.31
N ALA A 95 14.12 -11.31 -2.22
CA ALA A 95 14.84 -12.10 -3.25
C ALA A 95 15.85 -11.21 -4.03
N SER A 96 15.65 -9.89 -4.10
CA SER A 96 16.45 -8.97 -4.95
C SER A 96 17.38 -8.09 -4.12
N ALA A 97 17.49 -8.30 -2.81
CA ALA A 97 18.20 -7.37 -1.89
C ALA A 97 19.67 -7.21 -2.30
N LEU A 98 20.32 -8.25 -2.82
CA LEU A 98 21.73 -8.15 -3.28
C LEU A 98 21.78 -7.37 -4.59
N THR A 99 21.08 -7.85 -5.60
CA THR A 99 21.15 -7.29 -6.97
C THR A 99 20.49 -5.90 -7.04
N GLY A 100 19.34 -5.75 -6.41
CA GLY A 100 18.49 -4.57 -6.61
C GLY A 100 17.58 -4.78 -7.81
N ILE A 101 16.28 -4.57 -7.62
CA ILE A 101 15.28 -4.48 -8.72
C ILE A 101 15.78 -3.47 -9.76
N PRO A 102 15.88 -3.85 -11.06
CA PRO A 102 16.21 -2.88 -12.10
C PRO A 102 15.23 -1.69 -12.18
N LEU A 103 15.72 -0.49 -12.57
CA LEU A 103 14.94 0.79 -12.54
C LEU A 103 13.71 0.71 -13.44
N PRO A 104 13.82 0.18 -14.68
CA PRO A 104 12.67 0.17 -15.59
C PRO A 104 11.53 -0.65 -14.95
N LEU A 105 11.90 -1.69 -14.22
CA LEU A 105 10.91 -2.55 -13.53
C LEU A 105 10.37 -1.79 -12.31
N ILE A 106 11.22 -1.02 -11.61
CA ILE A 106 10.77 -0.12 -10.50
C ILE A 106 9.74 0.85 -11.09
N LYS A 107 10.13 1.49 -12.18
CA LYS A 107 9.35 2.47 -12.98
C LYS A 107 8.06 1.83 -13.47
N SER A 108 8.11 0.60 -13.99
CA SER A 108 6.91 -0.11 -14.50
C SER A 108 5.92 -0.29 -13.35
N TYR A 109 6.40 -0.87 -12.25
CA TYR A 109 5.61 -1.17 -11.02
C TYR A 109 5.03 0.11 -10.44
N LEU A 110 5.81 1.19 -10.37
CA LEU A 110 5.31 2.47 -9.80
C LEU A 110 4.20 3.01 -10.70
N PHE A 111 4.39 2.91 -12.02
CA PHE A 111 3.40 3.35 -13.02
C PHE A 111 2.09 2.63 -12.78
N GLN A 112 2.14 1.31 -12.70
CA GLN A 112 0.94 0.44 -12.58
C GLN A 112 0.24 0.71 -11.26
N LEU A 113 1.00 0.96 -10.19
CA LEU A 113 0.36 1.15 -8.87
C LEU A 113 -0.36 2.50 -8.86
N LEU A 114 0.25 3.51 -9.47
CA LEU A 114 -0.39 4.84 -9.59
C LEU A 114 -1.67 4.67 -10.41
N GLN A 115 -1.65 3.81 -11.43
CA GLN A 115 -2.83 3.56 -12.28
C GLN A 115 -3.94 2.93 -11.43
N GLY A 116 -3.58 1.96 -10.58
CA GLY A 116 -4.51 1.33 -9.63
C GLY A 116 -5.08 2.33 -8.62
N LEU A 117 -4.21 3.16 -8.02
CA LEU A 117 -4.66 4.22 -7.08
C LEU A 117 -5.60 5.22 -7.77
N ALA A 118 -5.24 5.72 -8.95
CA ALA A 118 -6.03 6.71 -9.71
C ALA A 118 -7.44 6.15 -9.93
N PHE A 119 -7.54 4.86 -10.24
CA PHE A 119 -8.83 4.16 -10.43
C PHE A 119 -9.61 4.22 -9.12
N CYS A 120 -8.99 3.73 -8.05
CA CYS A 120 -9.58 3.64 -6.69
C CYS A 120 -10.05 5.03 -6.26
N HIS A 121 -9.14 6.00 -6.28
CA HIS A 121 -9.36 7.42 -5.86
C HIS A 121 -10.43 8.08 -6.73
N SER A 122 -10.53 7.74 -8.00
CA SER A 122 -11.60 8.24 -8.91
C SER A 122 -12.96 7.78 -8.41
N HIS A 123 -13.00 6.61 -7.77
CA HIS A 123 -14.25 6.04 -7.18
C HIS A 123 -14.29 6.30 -5.67
N ARG A 124 -13.46 7.23 -5.18
CA ARG A 124 -13.35 7.62 -3.75
C ARG A 124 -13.18 6.37 -2.88
N VAL A 125 -12.36 5.42 -3.33
CA VAL A 125 -11.99 4.24 -2.51
C VAL A 125 -10.51 4.40 -2.13
N LEU A 126 -10.21 4.33 -0.84
CA LEU A 126 -8.82 4.40 -0.32
C LEU A 126 -8.35 2.97 -0.05
N HIS A 127 -7.06 2.68 -0.19
CA HIS A 127 -6.49 1.40 0.26
C HIS A 127 -6.27 1.50 1.77
N ARG A 128 -5.52 2.52 2.19
CA ARG A 128 -5.26 2.88 3.62
C ARG A 128 -4.10 2.08 4.22
N ASP A 129 -3.64 1.00 3.58
CA ASP A 129 -2.60 0.11 4.18
C ASP A 129 -1.70 -0.43 3.08
N LEU A 130 -1.31 0.46 2.17
CA LEU A 130 -0.32 0.13 1.11
C LEU A 130 1.00 -0.28 1.76
N LYS A 131 1.62 -1.30 1.21
CA LYS A 131 2.91 -1.83 1.70
C LYS A 131 3.27 -3.00 0.79
N PRO A 132 4.57 -3.37 0.70
CA PRO A 132 4.99 -4.44 -0.18
C PRO A 132 4.24 -5.77 0.03
N GLN A 133 3.90 -6.08 1.28
CA GLN A 133 3.14 -7.30 1.69
C GLN A 133 1.77 -7.33 0.99
N ASN A 134 1.26 -6.20 0.52
CA ASN A 134 -0.14 -6.06 0.06
C ASN A 134 -0.17 -5.85 -1.46
N LEU A 135 0.96 -6.12 -2.12
CA LEU A 135 1.08 -5.98 -3.58
C LEU A 135 1.49 -7.32 -4.17
N LEU A 136 0.77 -7.76 -5.20
CA LEU A 136 0.95 -9.10 -5.81
C LEU A 136 1.45 -8.90 -7.24
N ILE A 137 2.45 -9.68 -7.63
CA ILE A 137 2.99 -9.69 -9.01
C ILE A 137 2.68 -11.05 -9.67
N ASN A 138 2.59 -11.03 -11.00
CA ASN A 138 2.58 -12.24 -11.86
C ASN A 138 3.88 -12.31 -12.70
N THR A 139 4.01 -13.39 -13.46
CA THR A 139 5.18 -13.70 -14.34
C THR A 139 5.13 -12.77 -15.56
N GLU A 140 3.96 -12.17 -15.80
CA GLU A 140 3.62 -11.26 -16.94
C GLU A 140 4.10 -9.83 -16.65
N GLY A 141 4.52 -9.53 -15.42
CA GLY A 141 5.15 -8.23 -15.11
C GLY A 141 4.12 -7.20 -14.64
N ALA A 142 2.89 -7.62 -14.39
CA ALA A 142 1.84 -6.80 -13.75
C ALA A 142 1.99 -6.89 -12.23
N ILE A 143 1.54 -5.84 -11.54
CA ILE A 143 1.53 -5.76 -10.06
C ILE A 143 0.12 -5.29 -9.64
N LYS A 144 -0.42 -5.79 -8.54
CA LYS A 144 -1.82 -5.53 -8.14
C LYS A 144 -1.94 -5.16 -6.67
N LEU A 145 -2.84 -4.21 -6.39
CA LEU A 145 -3.33 -3.84 -5.04
C LEU A 145 -4.11 -5.02 -4.46
N ALA A 146 -3.82 -5.41 -3.22
CA ALA A 146 -4.59 -6.43 -2.48
C ALA A 146 -4.75 -5.98 -1.02
N ASP A 147 -5.65 -6.66 -0.30
CA ASP A 147 -5.89 -6.55 1.17
C ASP A 147 -6.32 -5.12 1.48
N PHE A 148 -7.52 -4.76 1.03
CA PHE A 148 -8.18 -3.47 1.36
C PHE A 148 -9.69 -3.58 1.09
N GLY A 149 -10.44 -2.63 1.67
CA GLY A 149 -11.88 -2.41 1.40
C GLY A 149 -12.70 -2.38 2.67
N LEU A 150 -12.14 -2.83 3.79
CA LEU A 150 -12.81 -2.79 5.12
C LEU A 150 -12.31 -1.61 5.93
N ALA A 151 -11.32 -0.89 5.42
CA ALA A 151 -10.65 0.20 6.16
C ALA A 151 -11.63 1.35 6.37
N ARG A 152 -12.42 1.70 5.35
CA ARG A 152 -13.39 2.81 5.44
C ARG A 152 -14.30 2.57 6.65
N ALA A 153 -14.72 1.32 6.84
CA ALA A 153 -15.73 0.95 7.87
C ALA A 153 -15.05 0.69 9.21
N PHE A 154 -13.91 -0.01 9.23
CA PHE A 154 -13.30 -0.55 10.47
C PHE A 154 -11.97 0.14 10.79
N GLY A 155 -11.53 1.06 9.92
CA GLY A 155 -10.17 1.64 9.98
C GLY A 155 -9.12 0.54 9.87
N VAL A 156 -7.87 0.89 10.18
CA VAL A 156 -6.68 -0.01 10.06
C VAL A 156 -6.39 -0.56 11.46
N PRO A 157 -6.50 -1.87 11.72
CA PRO A 157 -6.31 -2.38 13.08
C PRO A 157 -4.80 -2.29 13.39
N VAL A 158 -4.48 -2.34 14.68
CA VAL A 158 -3.09 -2.28 15.18
C VAL A 158 -2.46 -3.66 14.93
N ARG A 159 -3.29 -4.71 14.91
CA ARG A 159 -2.83 -6.10 14.77
C ARG A 159 -3.70 -6.88 13.79
N THR A 160 -3.15 -7.98 13.29
CA THR A 160 -3.85 -8.90 12.36
C THR A 160 -4.70 -9.85 13.19
N TYR A 161 -5.46 -10.71 12.52
CA TYR A 161 -6.21 -11.82 13.14
C TYR A 161 -5.22 -12.77 13.84
N THR A 162 -3.95 -12.76 13.44
CA THR A 162 -2.90 -13.63 14.03
C THR A 162 -2.16 -12.92 15.17
N HIS A 163 -2.56 -11.67 15.50
CA HIS A 163 -1.94 -10.78 16.51
C HIS A 163 -0.54 -10.33 16.06
N GLU A 164 -0.21 -10.46 14.78
CA GLU A 164 1.01 -9.85 14.18
C GLU A 164 0.85 -8.32 14.16
N VAL A 165 1.92 -7.57 14.41
CA VAL A 165 1.89 -6.07 14.40
C VAL A 165 1.64 -5.59 12.98
N VAL A 166 0.65 -4.73 12.76
CA VAL A 166 0.41 -4.11 11.43
C VAL A 166 1.46 -3.01 11.27
N THR A 167 2.39 -3.16 10.32
CA THR A 167 3.53 -2.23 10.15
C THR A 167 3.06 -0.78 9.95
N LEU A 168 3.79 0.17 10.53
CA LEU A 168 3.55 1.63 10.47
C LEU A 168 4.46 2.31 9.44
N TRP A 169 5.37 1.57 8.83
CA TRP A 169 6.44 2.11 7.96
C TRP A 169 5.86 2.97 6.82
N TYR A 170 4.62 2.69 6.40
CA TYR A 170 4.02 3.23 5.16
C TYR A 170 2.87 4.19 5.50
N ARG A 171 2.67 4.50 6.80
CA ARG A 171 1.57 5.40 7.26
C ARG A 171 1.95 6.86 7.03
N ALA A 172 1.03 7.60 6.41
CA ALA A 172 1.08 9.07 6.23
C ALA A 172 1.08 9.77 7.58
N PRO A 173 1.81 10.90 7.68
CA PRO A 173 1.91 11.64 8.94
C PRO A 173 0.58 12.26 9.42
N GLU A 174 -0.34 12.59 8.52
CA GLU A 174 -1.68 13.13 8.91
C GLU A 174 -2.38 12.08 9.77
N ILE A 175 -2.17 10.78 9.50
CA ILE A 175 -2.79 9.68 10.31
C ILE A 175 -2.10 9.63 11.66
N LEU A 176 -0.78 9.63 11.67
CA LEU A 176 0.05 9.49 12.88
C LEU A 176 -0.18 10.68 13.84
N LEU A 177 -0.48 11.86 13.30
CA LEU A 177 -0.78 13.10 14.06
C LEU A 177 -2.27 13.15 14.46
N GLY A 178 -3.04 12.12 14.10
CA GLY A 178 -4.36 11.80 14.66
C GLY A 178 -5.49 12.49 13.92
N CYS A 179 -5.28 12.94 12.69
CA CYS A 179 -6.41 13.35 11.84
C CYS A 179 -7.31 12.13 11.62
N LYS A 180 -8.61 12.30 11.72
CA LYS A 180 -9.57 11.16 11.66
C LYS A 180 -10.33 11.19 10.32
N TYR A 181 -10.07 12.18 9.47
CA TYR A 181 -10.65 12.25 8.09
C TYR A 181 -9.52 12.05 7.09
N TYR A 182 -9.56 10.95 6.34
CA TYR A 182 -8.45 10.53 5.46
C TYR A 182 -8.75 10.86 4.00
N SER A 183 -7.83 11.57 3.34
CA SER A 183 -7.90 11.80 1.89
C SER A 183 -7.15 10.68 1.16
N THR A 184 -7.38 10.57 -0.14
CA THR A 184 -6.65 9.71 -1.11
C THR A 184 -5.13 9.92 -0.98
N ALA A 185 -4.69 11.10 -0.52
CA ALA A 185 -3.27 11.43 -0.34
C ALA A 185 -2.57 10.38 0.54
N VAL A 186 -3.28 9.71 1.45
CA VAL A 186 -2.61 8.75 2.38
C VAL A 186 -1.95 7.64 1.54
N ASP A 187 -2.55 7.26 0.42
CA ASP A 187 -2.07 6.12 -0.41
C ASP A 187 -0.82 6.55 -1.16
N ILE A 188 -0.77 7.81 -1.59
CA ILE A 188 0.39 8.38 -2.33
C ILE A 188 1.62 8.38 -1.44
N TRP A 189 1.45 8.74 -0.18
CA TRP A 189 2.56 8.68 0.82
C TRP A 189 3.09 7.25 0.86
N SER A 190 2.20 6.29 1.09
CA SER A 190 2.53 4.86 1.24
C SER A 190 3.34 4.43 0.02
N LEU A 191 2.92 4.91 -1.16
CA LEU A 191 3.51 4.45 -2.44
C LEU A 191 4.88 5.10 -2.59
N GLY A 192 5.03 6.31 -2.07
CA GLY A 192 6.32 7.01 -2.01
C GLY A 192 7.32 6.24 -1.18
N CYS A 193 6.90 5.80 -0.01
CA CYS A 193 7.68 4.92 0.90
C CYS A 193 8.10 3.64 0.17
N ILE A 194 7.21 3.03 -0.60
CA ILE A 194 7.51 1.74 -1.26
C ILE A 194 8.55 2.02 -2.36
N PHE A 195 8.34 3.08 -3.14
CA PHE A 195 9.24 3.55 -4.23
C PHE A 195 10.65 3.67 -3.71
N ALA A 196 10.88 4.50 -2.68
CA ALA A 196 12.20 4.69 -2.04
C ALA A 196 12.82 3.34 -1.63
N GLU A 197 12.00 2.43 -1.12
CA GLU A 197 12.46 1.13 -0.58
C GLU A 197 12.94 0.24 -1.74
N MET A 198 12.18 0.22 -2.83
CA MET A 198 12.54 -0.49 -4.08
C MET A 198 13.90 -0.01 -4.57
N VAL A 199 14.17 1.29 -4.54
CA VAL A 199 15.47 1.89 -4.99
C VAL A 199 16.60 1.52 -4.02
N THR A 200 16.45 1.80 -2.72
CA THR A 200 17.54 1.76 -1.71
C THR A 200 17.70 0.34 -1.15
N ARG A 201 16.71 -0.53 -1.35
CA ARG A 201 16.59 -1.87 -0.72
C ARG A 201 16.77 -1.70 0.80
N ARG A 202 15.88 -0.89 1.38
CA ARG A 202 15.89 -0.50 2.80
C ARG A 202 14.62 0.29 3.03
N ALA A 203 13.85 -0.08 4.05
CA ALA A 203 12.65 0.66 4.47
C ALA A 203 13.08 2.11 4.70
N LEU A 204 12.33 3.06 4.13
CA LEU A 204 12.56 4.51 4.32
C LEU A 204 12.38 4.92 5.79
N PHE A 205 11.28 4.50 6.42
CA PHE A 205 10.87 4.94 7.79
C PHE A 205 10.44 3.73 8.61
N PRO A 206 11.43 2.90 9.01
CA PRO A 206 11.12 1.67 9.73
C PRO A 206 10.79 1.93 11.22
N GLY A 207 9.73 2.68 11.49
CA GLY A 207 9.25 2.94 12.86
C GLY A 207 8.66 1.69 13.52
N ASP A 208 8.84 1.54 14.84
CA ASP A 208 8.31 0.41 15.64
C ASP A 208 7.24 0.92 16.63
N SER A 209 6.86 2.20 16.54
CA SER A 209 5.80 2.85 17.34
C SER A 209 5.28 4.06 16.56
N GLU A 210 4.12 4.58 16.95
CA GLU A 210 3.51 5.79 16.34
C GLU A 210 4.51 6.95 16.43
N ILE A 211 5.06 7.21 17.61
CA ILE A 211 5.96 8.38 17.83
C ILE A 211 7.33 8.10 17.18
N ASP A 212 7.81 6.85 17.20
CA ASP A 212 9.06 6.45 16.49
C ASP A 212 8.90 6.64 14.97
N GLN A 213 7.76 6.25 14.41
CA GLN A 213 7.42 6.46 12.99
C GLN A 213 7.48 7.97 12.65
N LEU A 214 6.83 8.79 13.47
CA LEU A 214 6.72 10.26 13.25
C LEU A 214 8.13 10.89 13.27
N PHE A 215 8.95 10.50 14.26
CA PHE A 215 10.30 11.08 14.48
C PHE A 215 11.23 10.62 13.36
N ARG A 216 11.06 9.41 12.83
CA ARG A 216 11.87 8.97 11.66
C ARG A 216 11.56 9.85 10.46
N ILE A 217 10.29 10.22 10.31
CA ILE A 217 9.82 11.07 9.19
C ILE A 217 10.44 12.47 9.34
N PHE A 218 10.34 13.05 10.53
CA PHE A 218 10.87 14.39 10.86
C PHE A 218 12.38 14.43 10.64
N ARG A 219 13.09 13.37 11.01
CA ARG A 219 14.58 13.32 10.93
C ARG A 219 15.02 13.46 9.48
N THR A 220 14.25 12.93 8.52
CA THR A 220 14.58 12.96 7.09
C THR A 220 13.99 14.19 6.41
N LEU A 221 12.71 14.48 6.67
CA LEU A 221 11.98 15.51 5.90
C LEU A 221 11.96 16.83 6.68
N GLY A 222 12.47 16.83 7.91
CA GLY A 222 12.43 18.00 8.78
C GLY A 222 11.10 18.05 9.51
N THR A 223 11.10 18.59 10.72
CA THR A 223 9.87 18.74 11.53
C THR A 223 8.94 19.75 10.84
N PRO A 224 7.68 19.35 10.54
CA PRO A 224 6.71 20.25 9.92
C PRO A 224 6.32 21.39 10.86
N ASP A 225 6.15 22.58 10.29
CA ASP A 225 5.68 23.80 11.00
C ASP A 225 4.50 24.35 10.21
N GLU A 226 3.94 25.47 10.65
CA GLU A 226 2.74 26.05 10.02
C GLU A 226 3.06 26.55 8.61
N VAL A 227 4.33 26.75 8.27
CA VAL A 227 4.74 27.23 6.91
C VAL A 227 4.53 26.10 5.89
N VAL A 228 5.23 24.98 6.07
CA VAL A 228 5.19 23.83 5.11
C VAL A 228 3.80 23.20 5.20
N TRP A 229 3.20 23.23 6.39
CA TRP A 229 1.92 22.52 6.61
C TRP A 229 0.98 23.35 7.48
N PRO A 230 0.20 24.25 6.85
CA PRO A 230 -0.85 24.99 7.53
C PRO A 230 -1.81 24.11 8.34
N GLY A 231 -1.88 24.38 9.65
CA GLY A 231 -2.81 23.75 10.59
C GLY A 231 -2.14 22.69 11.43
N VAL A 232 -0.95 22.21 11.02
CA VAL A 232 -0.30 20.98 11.56
C VAL A 232 -0.19 21.06 13.09
N THR A 233 0.17 22.22 13.65
CA THR A 233 0.43 22.36 15.11
C THR A 233 -0.88 22.39 15.89
N SER A 234 -2.01 22.32 15.18
CA SER A 234 -3.37 22.15 15.72
C SER A 234 -3.85 20.71 15.52
N MET A 235 -3.02 19.83 14.97
CA MET A 235 -3.35 18.38 14.86
C MET A 235 -3.57 17.86 16.27
N PRO A 236 -4.50 16.90 16.46
CA PRO A 236 -4.79 16.32 17.78
C PRO A 236 -3.58 15.85 18.58
N ASP A 237 -2.68 15.09 17.95
CA ASP A 237 -1.51 14.45 18.60
C ASP A 237 -0.22 15.24 18.34
N TYR A 238 -0.30 16.43 17.77
CA TYR A 238 0.90 17.27 17.59
C TYR A 238 1.29 17.87 18.96
N LYS A 239 2.59 17.87 19.27
CA LYS A 239 3.11 18.45 20.54
C LYS A 239 4.14 19.50 20.15
N PRO A 240 4.03 20.75 20.68
CA PRO A 240 5.09 21.73 20.52
C PRO A 240 6.46 21.22 20.98
N SER A 241 6.49 20.22 21.88
CA SER A 241 7.72 19.58 22.43
C SER A 241 8.36 18.62 21.42
N PHE A 242 7.76 18.41 20.25
CA PHE A 242 8.40 17.66 19.14
C PHE A 242 9.78 18.27 18.85
N PRO A 243 10.87 17.46 18.78
CA PRO A 243 12.17 18.01 18.39
C PRO A 243 12.07 18.60 16.99
N LYS A 244 12.86 19.63 16.70
CA LYS A 244 12.81 20.36 15.41
C LYS A 244 14.03 19.92 14.61
N TRP A 245 13.90 18.94 13.70
CA TRP A 245 15.01 18.54 12.80
C TRP A 245 14.94 19.35 11.50
N ALA A 246 16.10 19.61 10.93
CA ALA A 246 16.31 20.20 9.59
C ALA A 246 15.96 19.14 8.53
N ARG A 247 15.36 19.57 7.43
CA ARG A 247 15.07 18.68 6.28
C ARG A 247 16.40 18.19 5.74
N GLN A 248 16.48 16.94 5.32
CA GLN A 248 17.72 16.37 4.78
C GLN A 248 17.65 16.40 3.25
N ASP A 249 18.81 16.50 2.62
CA ASP A 249 18.98 16.37 1.15
C ASP A 249 18.44 15.02 0.72
N PHE A 250 17.54 14.98 -0.25
CA PHE A 250 17.02 13.70 -0.82
C PHE A 250 18.10 12.95 -1.58
N SER A 251 19.15 13.65 -2.06
CA SER A 251 20.27 12.97 -2.74
C SER A 251 20.83 11.92 -1.76
N LYS A 252 20.94 12.28 -0.48
CA LYS A 252 21.34 11.35 0.62
C LYS A 252 20.31 10.22 0.78
N VAL A 253 19.01 10.53 0.60
CA VAL A 253 17.91 9.63 1.04
C VAL A 253 17.80 8.43 0.09
N VAL A 254 17.84 8.65 -1.23
CA VAL A 254 17.55 7.59 -2.23
C VAL A 254 18.54 7.65 -3.38
N PRO A 255 19.86 7.65 -3.10
CA PRO A 255 20.84 7.48 -4.16
C PRO A 255 20.68 6.03 -4.60
N PRO A 256 20.89 5.73 -5.90
CA PRO A 256 21.27 6.72 -6.89
C PRO A 256 20.08 7.07 -7.81
N LEU A 257 18.90 7.31 -7.23
CA LEU A 257 17.72 7.69 -8.03
C LEU A 257 18.03 9.00 -8.76
N ASP A 258 17.77 9.04 -10.07
CA ASP A 258 17.95 10.20 -10.98
C ASP A 258 17.07 11.36 -10.50
N GLU A 259 17.25 12.55 -11.12
CA GLU A 259 16.61 13.82 -10.66
C GLU A 259 15.09 13.70 -10.75
N ASP A 260 14.56 13.12 -11.82
CA ASP A 260 13.09 12.99 -12.04
C ASP A 260 12.48 12.11 -10.95
N GLY A 261 13.17 11.04 -10.56
CA GLY A 261 12.71 10.15 -9.47
C GLY A 261 12.66 10.88 -8.15
N ARG A 262 13.70 11.66 -7.84
CA ARG A 262 13.84 12.33 -6.52
C ARG A 262 12.74 13.38 -6.43
N SER A 263 12.47 14.02 -7.56
CA SER A 263 11.46 15.10 -7.72
C SER A 263 10.05 14.51 -7.55
N LEU A 264 9.77 13.36 -8.18
CA LEU A 264 8.45 12.69 -8.02
C LEU A 264 8.30 12.26 -6.56
N LEU A 265 9.31 11.56 -6.04
CA LEU A 265 9.30 11.09 -4.63
C LEU A 265 9.06 12.28 -3.71
N SER A 266 9.83 13.36 -3.86
CA SER A 266 9.66 14.57 -3.01
C SER A 266 8.17 14.97 -3.05
N GLN A 267 7.53 14.96 -4.21
CA GLN A 267 6.13 15.43 -4.30
C GLN A 267 5.18 14.42 -3.65
N MET A 268 5.60 13.15 -3.62
CA MET A 268 4.80 12.05 -3.02
C MET A 268 4.89 12.11 -1.50
N LEU A 269 5.98 12.67 -0.96
CA LEU A 269 6.21 12.74 0.50
C LEU A 269 6.00 14.17 0.99
N HIS A 270 5.20 14.97 0.28
CA HIS A 270 4.81 16.32 0.75
C HIS A 270 4.01 16.13 2.05
N TYR A 271 4.36 16.87 3.10
CA TYR A 271 3.68 16.82 4.41
C TYR A 271 2.21 17.18 4.26
N ASP A 272 1.88 18.29 3.61
CA ASP A 272 0.47 18.75 3.46
C ASP A 272 -0.24 17.83 2.48
N PRO A 273 -1.25 17.04 2.93
CA PRO A 273 -1.98 16.15 2.04
C PRO A 273 -2.61 16.88 0.84
N ASN A 274 -2.80 18.19 0.92
CA ASN A 274 -3.44 19.00 -0.15
C ASN A 274 -2.37 19.46 -1.15
N LYS A 275 -1.09 19.38 -0.80
CA LYS A 275 0.01 19.71 -1.75
C LYS A 275 0.60 18.42 -2.32
N ARG A 276 0.36 17.27 -1.69
CA ARG A 276 0.94 15.98 -2.11
C ARG A 276 0.36 15.64 -3.49
N ILE A 277 1.22 15.16 -4.38
CA ILE A 277 0.86 14.87 -5.80
C ILE A 277 -0.27 13.84 -5.80
N SER A 278 -1.20 13.95 -6.73
CA SER A 278 -2.27 12.93 -6.88
C SER A 278 -1.68 11.74 -7.67
N ALA A 279 -2.38 10.60 -7.66
CA ALA A 279 -2.04 9.46 -8.53
C ALA A 279 -2.03 9.96 -9.98
N LYS A 280 -3.10 10.66 -10.38
CA LYS A 280 -3.30 11.17 -11.78
C LYS A 280 -2.17 12.11 -12.20
N ALA A 281 -1.76 13.06 -11.34
CA ALA A 281 -0.67 14.02 -11.64
C ALA A 281 0.65 13.25 -11.79
N ALA A 282 0.90 12.31 -10.88
CA ALA A 282 2.17 11.55 -10.83
C ALA A 282 2.34 10.78 -12.14
N LEU A 283 1.24 10.30 -12.73
CA LEU A 283 1.29 9.54 -14.00
C LEU A 283 1.83 10.44 -15.12
N ALA A 284 1.64 11.76 -15.04
CA ALA A 284 2.10 12.74 -16.06
C ALA A 284 3.52 13.21 -15.78
N HIS A 285 4.15 12.72 -14.71
CA HIS A 285 5.49 13.18 -14.28
C HIS A 285 6.54 12.80 -15.32
N PRO A 286 7.52 13.69 -15.60
CA PRO A 286 8.64 13.37 -16.50
C PRO A 286 9.37 12.05 -16.20
N PHE A 287 9.29 11.54 -14.96
CA PHE A 287 9.98 10.30 -14.53
C PHE A 287 9.51 9.10 -15.35
N PHE A 288 8.29 9.17 -15.90
CA PHE A 288 7.63 8.04 -16.62
C PHE A 288 7.71 8.20 -18.15
N GLN A 289 8.40 9.24 -18.64
CA GLN A 289 8.50 9.54 -20.10
C GLN A 289 9.00 8.30 -20.85
N ASP A 290 9.93 7.53 -20.26
CA ASP A 290 10.55 6.36 -20.94
C ASP A 290 10.04 5.05 -20.33
N VAL A 291 8.87 5.06 -19.68
CA VAL A 291 8.32 3.88 -18.95
C VAL A 291 8.00 2.74 -19.95
N THR A 292 8.37 1.51 -19.60
CA THR A 292 8.08 0.23 -20.32
C THR A 292 7.40 -0.78 -19.38
N LYS A 293 7.32 -2.07 -19.76
CA LYS A 293 6.71 -3.12 -18.92
C LYS A 293 7.54 -4.43 -18.92
N PRO A 294 8.65 -4.52 -18.15
CA PRO A 294 9.37 -5.80 -17.99
C PRO A 294 8.81 -6.74 -16.89
N VAL A 295 9.46 -7.91 -16.63
CA VAL A 295 8.89 -9.01 -15.76
C VAL A 295 9.97 -9.57 -14.81
N PRO A 296 9.59 -10.23 -13.68
CA PRO A 296 10.58 -10.88 -12.81
C PRO A 296 11.18 -12.15 -13.44
O4 STU B . -1.05 -13.80 1.25
C25 STU B . 0.08 -14.00 0.41
C24 STU B . 1.16 -12.95 0.55
C23 STU B . 0.78 -11.98 1.65
C22 STU B . -0.56 -11.39 1.26
C21 STU B . -1.62 -12.46 1.42
C26 STU B . -2.11 -12.50 2.86
N2 STU B . -2.72 -12.34 0.45
C18 STU B . -2.66 -12.92 -0.80
C19 STU B . -1.66 -13.71 -1.43
C6 STU B . -1.85 -14.14 -2.76
C7 STU B . -3.04 -13.81 -3.45
C10 STU B . -4.03 -13.06 -2.82
C11 STU B . -3.83 -12.59 -1.51
C12 STU B . -4.63 -11.77 -0.65
C17 STU B . -3.91 -11.62 0.54
C16 STU B . -4.42 -10.85 1.60
C15 STU B . -5.64 -10.24 1.42
C14 STU B . -6.36 -10.37 0.23
C13 STU B . -5.87 -11.14 -0.80
C9 STU B . -5.17 -12.83 -3.77
N1 STU B . -4.68 -13.46 -4.98
C8 STU B . -3.52 -14.14 -4.80
O5 STU B . -2.97 -14.82 -5.64
C5 STU B . -0.68 -14.91 -3.12
C20 STU B . 0.16 -14.90 -1.99
C1 STU B . 1.40 -15.55 -2.01
C2 STU B . 1.76 -16.21 -3.16
C3 STU B . 0.93 -16.23 -4.28
C4 STU B . -0.28 -15.58 -4.27
N3 STU B . -0.44 -14.16 -0.97
O6 STU B . -0.46 -10.94 -0.09
C27 STU B . -1.21 -9.76 -0.40
N4 STU B . 1.78 -10.96 1.91
C28 STU B . 2.53 -11.10 3.13
C1 EDO C . -3.24 17.51 -6.28
O1 EDO C . -2.38 18.08 -5.32
C2 EDO C . -2.59 17.42 -7.60
O2 EDO C . -1.35 16.79 -7.52
C1 EDO D . -9.75 -7.63 3.62
O1 EDO D . -9.87 -6.23 3.45
C2 EDO D . -10.52 -8.36 2.59
O2 EDO D . -9.73 -8.69 1.48
#